data_2MG0
#
_entry.id   2MG0
#
_entity_poly.entity_id   1
_entity_poly.type   'polypeptide(L)'
_entity_poly.pdbx_seq_one_letter_code
;(ACE)VLVNEILNH(NH2)
;
_entity_poly.pdbx_strand_id   A
#
# COMPACT_ATOMS: atom_id res chain seq x y z
N VAL A 2 2.62 -2.66 4.94
CA VAL A 2 1.56 -3.58 4.59
C VAL A 2 0.26 -3.19 5.28
N LEU A 3 0.19 -1.92 5.68
CA LEU A 3 -0.99 -1.38 6.35
C LEU A 3 -1.49 -0.17 5.59
N VAL A 4 -0.72 0.22 4.60
CA VAL A 4 -1.05 1.36 3.75
C VAL A 4 -0.43 1.17 2.38
N ASN A 5 0.72 0.51 2.37
CA ASN A 5 1.43 0.24 1.12
C ASN A 5 0.46 -0.34 0.09
N GLU A 6 -0.38 -1.26 0.54
CA GLU A 6 -1.34 -1.92 -0.35
C GLU A 6 -2.09 -0.90 -1.19
N ILE A 7 -2.22 0.29 -0.64
CA ILE A 7 -2.93 1.38 -1.33
C ILE A 7 -2.02 2.05 -2.33
N LEU A 8 -1.08 2.84 -1.82
CA LEU A 8 -0.13 3.53 -2.68
C LEU A 8 0.58 2.52 -3.56
N ASN A 9 0.35 1.25 -3.25
CA ASN A 9 0.96 0.14 -4.00
C ASN A 9 1.15 0.50 -5.47
N HIS A 10 2.20 -0.03 -6.07
CA HIS A 10 2.49 0.23 -7.48
C HIS A 10 3.68 -0.62 -7.95
N VAL A 2 2.62 -2.59 5.04
CA VAL A 2 1.53 -3.53 4.82
C VAL A 2 0.24 -3.08 5.50
N LEU A 3 0.15 -1.79 5.77
CA LEU A 3 -1.02 -1.19 6.39
C LEU A 3 -1.48 0.00 5.56
N VAL A 4 -0.68 0.30 4.56
CA VAL A 4 -0.96 1.42 3.66
C VAL A 4 -0.36 1.12 2.29
N ASN A 5 0.78 0.43 2.32
CA ASN A 5 1.47 0.08 1.09
C ASN A 5 0.49 -0.54 0.10
N GLU A 6 -0.41 -1.38 0.61
CA GLU A 6 -1.39 -2.05 -0.23
C GLU A 6 -2.14 -1.06 -1.11
N ILE A 7 -2.20 0.18 -0.65
CA ILE A 7 -2.89 1.23 -1.38
C ILE A 7 -1.99 1.84 -2.44
N LEU A 8 -1.02 2.63 -1.98
CA LEU A 8 -0.08 3.26 -2.88
C LEU A 8 0.58 2.21 -3.75
N ASN A 9 0.33 0.95 -3.39
CA ASN A 9 0.88 -0.20 -4.11
C ASN A 9 1.05 0.10 -5.59
N HIS A 10 2.20 0.65 -5.97
CA HIS A 10 2.47 0.98 -7.36
C HIS A 10 1.97 -0.12 -8.29
N VAL A 2 2.63 -3.34 5.23
CA VAL A 2 1.38 -3.75 4.62
C VAL A 2 0.20 -3.25 5.44
N LEU A 3 0.15 -1.95 5.61
CA LEU A 3 -0.90 -1.30 6.38
C LEU A 3 -1.42 -0.10 5.60
N VAL A 4 -0.57 0.38 4.68
CA VAL A 4 -0.91 1.52 3.84
C VAL A 4 -0.30 1.38 2.45
N ASN A 5 0.68 0.49 2.35
CA ASN A 5 1.34 0.25 1.09
C ASN A 5 0.36 -0.35 0.08
N GLU A 6 -0.36 -1.38 0.52
CA GLU A 6 -1.32 -2.06 -0.32
C GLU A 6 -2.17 -1.06 -1.10
N ILE A 7 -2.15 0.18 -0.66
CA ILE A 7 -2.91 1.24 -1.32
C ILE A 7 -2.06 1.97 -2.34
N LEU A 8 -1.15 2.81 -1.84
CA LEU A 8 -0.27 3.56 -2.70
C LEU A 8 0.53 2.59 -3.58
N ASN A 9 0.35 1.30 -3.30
CA ASN A 9 1.04 0.25 -4.03
C ASN A 9 1.25 0.62 -5.50
N HIS A 10 2.26 0.01 -6.13
CA HIS A 10 2.55 0.28 -7.53
C HIS A 10 2.37 1.77 -7.87
N VAL A 2 2.61 -2.66 5.11
CA VAL A 2 1.55 -3.58 4.78
C VAL A 2 0.24 -3.13 5.43
N LEU A 3 0.19 -1.85 5.78
CA LEU A 3 -1.00 -1.27 6.42
C LEU A 3 -1.45 -0.05 5.62
N VAL A 4 -0.62 0.34 4.66
CA VAL A 4 -0.91 1.49 3.82
C VAL A 4 -0.29 1.29 2.43
N ASN A 5 0.64 0.36 2.35
CA ASN A 5 1.29 0.08 1.08
C ASN A 5 0.31 -0.50 0.09
N GLU A 6 -0.48 -1.48 0.55
CA GLU A 6 -1.47 -2.13 -0.30
C GLU A 6 -2.27 -1.12 -1.10
N ILE A 7 -2.17 0.15 -0.71
CA ILE A 7 -2.88 1.23 -1.37
C ILE A 7 -1.98 1.93 -2.38
N LEU A 8 -1.09 2.76 -1.87
CA LEU A 8 -0.15 3.49 -2.73
C LEU A 8 0.57 2.52 -3.63
N ASN A 9 0.40 1.23 -3.33
CA ASN A 9 1.03 0.16 -4.11
C ASN A 9 1.15 0.53 -5.59
N HIS A 10 2.29 0.23 -6.19
CA HIS A 10 2.52 0.53 -7.60
C HIS A 10 1.27 0.23 -8.43
N VAL A 2 2.36 -2.24 4.57
CA VAL A 2 1.41 -3.31 4.29
C VAL A 2 0.01 -2.96 4.79
N LEU A 3 -0.05 -1.92 5.60
CA LEU A 3 -1.33 -1.45 6.17
C LEU A 3 -1.82 -0.26 5.37
N VAL A 4 -0.88 0.38 4.68
CA VAL A 4 -1.18 1.54 3.84
C VAL A 4 -0.40 1.44 2.55
N ASN A 5 0.58 0.56 2.54
CA ASN A 5 1.40 0.35 1.35
C ASN A 5 0.59 -0.35 0.28
N GLU A 6 -0.12 -1.39 0.67
CA GLU A 6 -0.95 -2.16 -0.26
C GLU A 6 -1.75 -1.22 -1.16
N ILE A 7 -1.85 0.03 -0.75
CA ILE A 7 -2.58 1.03 -1.50
C ILE A 7 -1.65 1.78 -2.44
N LEU A 8 -0.87 2.70 -1.87
CA LEU A 8 0.08 3.47 -2.66
C LEU A 8 1.00 2.53 -3.41
N ASN A 9 0.89 1.24 -3.09
CA ASN A 9 1.71 0.20 -3.72
C ASN A 9 2.03 0.55 -5.17
N HIS A 10 1.22 0.06 -6.10
CA HIS A 10 1.42 0.32 -7.52
C HIS A 10 1.87 1.76 -7.75
N VAL A 2 2.48 -2.65 5.18
CA VAL A 2 1.44 -3.50 4.62
C VAL A 2 0.08 -3.13 5.20
N LEU A 3 0.00 -1.90 5.69
CA LEU A 3 -1.24 -1.38 6.28
C LEU A 3 -1.74 -0.19 5.48
N VAL A 4 -0.86 0.34 4.64
CA VAL A 4 -1.17 1.48 3.80
C VAL A 4 -0.43 1.38 2.48
N ASN A 5 0.60 0.54 2.45
CA ASN A 5 1.38 0.35 1.25
C ASN A 5 0.55 -0.35 0.18
N GLU A 6 -0.19 -1.37 0.60
CA GLU A 6 -1.03 -2.13 -0.30
C GLU A 6 -1.81 -1.20 -1.23
N ILE A 7 -1.91 0.05 -0.80
CA ILE A 7 -2.63 1.07 -1.57
C ILE A 7 -1.68 1.82 -2.49
N LEU A 8 -0.90 2.72 -1.90
CA LEU A 8 0.06 3.50 -2.67
C LEU A 8 0.97 2.57 -3.45
N ASN A 9 0.85 1.27 -3.16
CA ASN A 9 1.64 0.23 -3.81
C ASN A 9 2.03 0.62 -5.24
N HIS A 10 1.27 0.10 -6.20
CA HIS A 10 1.54 0.38 -7.60
C HIS A 10 1.76 1.88 -7.81
N VAL A 2 2.49 -2.27 4.40
CA VAL A 2 1.55 -3.38 4.31
C VAL A 2 0.17 -2.98 4.84
N LEU A 3 0.15 -1.89 5.58
CA LEU A 3 -1.09 -1.37 6.17
C LEU A 3 -1.52 -0.12 5.42
N VAL A 4 -0.57 0.44 4.68
CA VAL A 4 -0.81 1.64 3.89
C VAL A 4 -0.21 1.44 2.50
N ASN A 5 0.68 0.45 2.40
CA ASN A 5 1.32 0.13 1.14
C ASN A 5 0.31 -0.48 0.18
N GLU A 6 -0.45 -1.45 0.69
CA GLU A 6 -1.47 -2.13 -0.10
C GLU A 6 -2.28 -1.13 -0.92
N ILE A 7 -2.17 0.13 -0.56
CA ILE A 7 -2.89 1.20 -1.25
C ILE A 7 -2.01 1.84 -2.30
N LEU A 8 -1.09 2.68 -1.85
CA LEU A 8 -0.17 3.36 -2.76
C LEU A 8 0.54 2.34 -3.63
N ASN A 9 0.35 1.06 -3.27
CA ASN A 9 0.96 -0.04 -4.00
C ASN A 9 1.09 0.27 -5.49
N HIS A 10 2.33 0.30 -5.98
CA HIS A 10 2.59 0.59 -7.39
C HIS A 10 1.57 -0.14 -8.28
N VAL A 2 2.49 -2.38 5.34
CA VAL A 2 1.54 -3.43 4.94
C VAL A 2 0.14 -3.15 5.46
N LEU A 3 -0.12 -1.88 5.76
CA LEU A 3 -1.43 -1.43 6.24
C LEU A 3 -1.89 -0.25 5.41
N VAL A 4 -1.01 0.18 4.53
CA VAL A 4 -1.29 1.30 3.63
C VAL A 4 -0.50 1.12 2.34
N ASN A 5 0.69 0.56 2.48
CA ASN A 5 1.55 0.32 1.34
C ASN A 5 0.75 -0.34 0.21
N GLU A 6 -0.08 -1.31 0.57
CA GLU A 6 -0.88 -2.02 -0.41
C GLU A 6 -1.61 -1.06 -1.34
N ILE A 7 -1.88 0.13 -0.84
CA ILE A 7 -2.58 1.14 -1.61
C ILE A 7 -1.61 1.87 -2.52
N LEU A 8 -0.79 2.73 -1.92
CA LEU A 8 0.19 3.48 -2.69
C LEU A 8 1.06 2.52 -3.48
N ASN A 9 0.90 1.23 -3.17
CA ASN A 9 1.65 0.17 -3.83
C ASN A 9 1.97 0.53 -5.29
N HIS A 10 1.06 0.18 -6.19
CA HIS A 10 1.24 0.46 -7.61
C HIS A 10 1.81 1.86 -7.81
N VAL A 2 2.39 -2.55 4.74
CA VAL A 2 1.30 -3.50 4.59
C VAL A 2 0.08 -2.99 5.32
N LEU A 3 0.21 -1.77 5.78
CA LEU A 3 -0.85 -1.07 6.51
C LEU A 3 -1.36 0.09 5.66
N VAL A 4 -0.65 0.33 4.58
CA VAL A 4 -1.00 1.40 3.65
C VAL A 4 -0.37 1.10 2.30
N ASN A 5 0.76 0.43 2.34
CA ASN A 5 1.48 0.08 1.13
C ASN A 5 0.52 -0.53 0.10
N GLU A 6 -0.35 -1.43 0.58
CA GLU A 6 -1.31 -2.10 -0.27
C GLU A 6 -2.05 -1.10 -1.16
N ILE A 7 -2.22 0.10 -0.64
CA ILE A 7 -2.90 1.15 -1.37
C ILE A 7 -2.00 1.77 -2.42
N LEU A 8 -1.06 2.60 -1.96
CA LEU A 8 -0.13 3.25 -2.86
C LEU A 8 0.56 2.20 -3.72
N ASN A 9 0.35 0.94 -3.34
CA ASN A 9 0.94 -0.20 -4.05
C ASN A 9 1.09 0.09 -5.54
N HIS A 10 2.22 0.67 -5.93
CA HIS A 10 2.48 1.00 -7.32
C HIS A 10 2.02 -0.14 -8.24
N VAL A 2 2.51 -2.77 5.03
CA VAL A 2 1.36 -3.56 4.66
C VAL A 2 0.11 -3.03 5.34
N LEU A 3 0.17 -1.77 5.74
CA LEU A 3 -0.95 -1.11 6.42
C LEU A 3 -1.38 0.11 5.62
N VAL A 4 -0.57 0.44 4.62
CA VAL A 4 -0.83 1.58 3.76
C VAL A 4 -0.24 1.34 2.38
N ASN A 5 0.71 0.42 2.32
CA ASN A 5 1.35 0.09 1.06
C ASN A 5 0.35 -0.56 0.12
N GLU A 6 -0.43 -1.50 0.65
CA GLU A 6 -1.42 -2.22 -0.12
C GLU A 6 -2.24 -1.27 -0.98
N ILE A 7 -2.13 0.02 -0.67
CA ILE A 7 -2.87 1.05 -1.40
C ILE A 7 -1.98 1.70 -2.45
N LEU A 8 -1.08 2.56 -1.99
CA LEU A 8 -0.16 3.23 -2.89
C LEU A 8 0.57 2.22 -3.75
N ASN A 9 0.40 0.94 -3.38
CA ASN A 9 1.02 -0.17 -4.10
C ASN A 9 1.15 0.13 -5.59
N HIS A 10 2.26 0.76 -5.98
CA HIS A 10 2.49 1.10 -7.39
C HIS A 10 2.07 -0.05 -8.30
N VAL A 2 2.59 -2.77 4.90
CA VAL A 2 1.46 -3.61 4.54
C VAL A 2 0.20 -3.15 5.25
N LEU A 3 0.22 -1.89 5.69
CA LEU A 3 -0.91 -1.29 6.39
C LEU A 3 -1.39 -0.06 5.63
N VAL A 4 -0.58 0.36 4.68
CA VAL A 4 -0.89 1.52 3.85
C VAL A 4 -0.29 1.35 2.46
N ASN A 5 0.65 0.43 2.34
CA ASN A 5 1.29 0.18 1.07
C ASN A 5 0.30 -0.44 0.09
N GLU A 6 -0.45 -1.42 0.56
CA GLU A 6 -1.43 -2.10 -0.25
C GLU A 6 -2.26 -1.09 -1.06
N ILE A 7 -2.18 0.16 -0.67
CA ILE A 7 -2.92 1.23 -1.34
C ILE A 7 -2.03 1.94 -2.34
N LEU A 8 -1.13 2.78 -1.83
CA LEU A 8 -0.21 3.52 -2.70
C LEU A 8 0.54 2.54 -3.59
N ASN A 9 0.36 1.26 -3.31
CA ASN A 9 1.01 0.18 -4.07
C ASN A 9 1.23 0.59 -5.53
N HIS A 10 2.30 0.07 -6.13
CA HIS A 10 2.62 0.38 -7.51
C HIS A 10 3.82 -0.45 -7.98
N VAL A 2 2.56 -2.76 4.84
CA VAL A 2 1.45 -3.62 4.49
C VAL A 2 0.19 -3.17 5.23
N LEU A 3 0.20 -1.92 5.67
CA LEU A 3 -0.92 -1.34 6.41
C LEU A 3 -1.44 -0.12 5.64
N VAL A 4 -0.70 0.23 4.60
CA VAL A 4 -1.05 1.37 3.76
C VAL A 4 -0.43 1.17 2.38
N ASN A 5 0.73 0.53 2.38
CA ASN A 5 1.44 0.27 1.14
C ASN A 5 0.50 -0.34 0.10
N GLU A 6 -0.34 -1.26 0.56
CA GLU A 6 -1.28 -1.93 -0.33
C GLU A 6 -2.05 -0.93 -1.18
N ILE A 7 -2.22 0.27 -0.63
CA ILE A 7 -2.93 1.33 -1.32
C ILE A 7 -2.02 2.01 -2.33
N LEU A 8 -1.11 2.83 -1.82
CA LEU A 8 -0.17 3.53 -2.68
C LEU A 8 0.56 2.52 -3.56
N ASN A 9 0.35 1.24 -3.25
CA ASN A 9 0.96 0.14 -3.99
C ASN A 9 1.15 0.50 -5.47
N HIS A 10 2.22 -0.02 -6.07
CA HIS A 10 2.50 0.24 -7.46
C HIS A 10 3.70 -0.59 -7.93
N VAL A 2 2.64 -2.58 5.03
CA VAL A 2 1.61 -3.58 4.73
C VAL A 2 0.28 -3.22 5.39
N LEU A 3 0.13 -1.93 5.71
CA LEU A 3 -1.10 -1.41 6.32
C LEU A 3 -1.59 -0.22 5.52
N VAL A 4 -0.73 0.23 4.61
CA VAL A 4 -1.03 1.37 3.75
C VAL A 4 -0.41 1.14 2.38
N ASN A 5 0.74 0.49 2.38
CA ASN A 5 1.45 0.21 1.15
C ASN A 5 0.50 -0.37 0.11
N GLU A 6 -0.35 -1.29 0.53
CA GLU A 6 -1.30 -1.93 -0.36
C GLU A 6 -2.06 -0.90 -1.19
N ILE A 7 -2.18 0.30 -0.64
CA ILE A 7 -2.90 1.37 -1.33
C ILE A 7 -1.99 2.06 -2.34
N LEU A 8 -1.06 2.85 -1.82
CA LEU A 8 -0.11 3.55 -2.68
C LEU A 8 0.59 2.55 -3.58
N ASN A 9 0.38 1.27 -3.27
CA ASN A 9 0.97 0.17 -4.04
C ASN A 9 1.13 0.53 -5.51
N HIS A 10 2.15 -0.02 -6.15
CA HIS A 10 2.41 0.24 -7.56
C HIS A 10 3.54 -0.64 -8.07
N VAL A 2 2.59 -2.76 4.90
CA VAL A 2 1.45 -3.60 4.60
C VAL A 2 0.22 -3.09 5.34
N LEU A 3 0.27 -1.83 5.71
CA LEU A 3 -0.84 -1.19 6.42
C LEU A 3 -1.36 -0.02 5.60
N VAL A 4 -0.58 0.34 4.60
CA VAL A 4 -0.92 1.43 3.69
C VAL A 4 -0.37 1.13 2.31
N ASN A 5 0.76 0.44 2.29
CA ASN A 5 1.40 0.08 1.04
C ASN A 5 0.39 -0.50 0.05
N GLU A 6 -0.46 -1.39 0.56
CA GLU A 6 -1.47 -2.03 -0.26
C GLU A 6 -2.25 -1.02 -1.08
N ILE A 7 -2.25 0.22 -0.63
CA ILE A 7 -2.98 1.29 -1.31
C ILE A 7 -2.10 1.93 -2.37
N LEU A 8 -1.14 2.72 -1.91
CA LEU A 8 -0.22 3.39 -2.83
C LEU A 8 0.48 2.35 -3.68
N ASN A 9 0.24 1.08 -3.35
CA ASN A 9 0.84 -0.04 -4.07
C ASN A 9 1.09 0.29 -5.54
N HIS A 10 2.36 0.36 -5.92
CA HIS A 10 2.72 0.67 -7.30
C HIS A 10 1.82 -0.06 -8.28
N VAL A 2 2.46 -2.46 5.31
CA VAL A 2 1.48 -3.45 4.90
C VAL A 2 0.08 -3.13 5.42
N LEU A 3 -0.12 -1.86 5.75
CA LEU A 3 -1.41 -1.38 6.25
C LEU A 3 -1.84 -0.18 5.42
N VAL A 4 -0.91 0.32 4.62
CA VAL A 4 -1.18 1.47 3.75
C VAL A 4 -0.39 1.34 2.46
N ASN A 5 0.61 0.48 2.46
CA ASN A 5 1.44 0.26 1.29
C ASN A 5 0.61 -0.41 0.19
N GLU A 6 -0.11 -1.46 0.55
CA GLU A 6 -0.93 -2.20 -0.38
C GLU A 6 -1.72 -1.25 -1.28
N ILE A 7 -1.80 0.01 -0.86
CA ILE A 7 -2.53 1.02 -1.61
C ILE A 7 -1.59 1.79 -2.52
N LEU A 8 -0.83 2.71 -1.93
CA LEU A 8 0.12 3.50 -2.69
C LEU A 8 1.03 2.58 -3.49
N ASN A 9 0.94 1.28 -3.19
CA ASN A 9 1.74 0.27 -3.86
C ASN A 9 2.02 0.64 -5.33
N HIS A 10 1.13 0.22 -6.21
CA HIS A 10 1.27 0.51 -7.63
C HIS A 10 1.75 1.95 -7.85
N VAL A 2 2.53 -2.78 5.01
CA VAL A 2 1.41 -3.62 4.60
C VAL A 2 0.13 -3.15 5.28
N LEU A 3 0.15 -1.89 5.71
CA LEU A 3 -1.02 -1.29 6.38
C LEU A 3 -1.48 -0.06 5.61
N VAL A 4 -0.62 0.36 4.68
CA VAL A 4 -0.91 1.53 3.86
C VAL A 4 -0.27 1.36 2.48
N ASN A 5 0.66 0.43 2.39
CA ASN A 5 1.35 0.17 1.14
C ASN A 5 0.38 -0.43 0.12
N GLU A 6 -0.35 -1.44 0.55
CA GLU A 6 -1.30 -2.12 -0.30
C GLU A 6 -2.13 -1.12 -1.10
N ILE A 7 -2.10 0.14 -0.67
CA ILE A 7 -2.85 1.20 -1.33
C ILE A 7 -1.99 1.92 -2.34
N LEU A 8 -1.11 2.79 -1.83
CA LEU A 8 -0.21 3.54 -2.69
C LEU A 8 0.55 2.59 -3.60
N ASN A 9 0.42 1.29 -3.29
CA ASN A 9 1.10 0.24 -4.05
C ASN A 9 1.21 0.61 -5.53
N HIS A 10 2.23 0.08 -6.19
CA HIS A 10 2.44 0.36 -7.60
C HIS A 10 3.59 -0.49 -8.14
N VAL A 2 2.46 -2.47 5.29
CA VAL A 2 1.49 -3.46 4.87
C VAL A 2 0.11 -3.12 5.42
N LEU A 3 -0.07 -1.85 5.77
CA LEU A 3 -1.34 -1.36 6.31
C LEU A 3 -1.82 -0.19 5.48
N VAL A 4 -0.97 0.21 4.54
CA VAL A 4 -1.28 1.31 3.63
C VAL A 4 -0.50 1.12 2.34
N ASN A 5 0.68 0.55 2.46
CA ASN A 5 1.52 0.30 1.31
C ASN A 5 0.71 -0.36 0.19
N GLU A 6 -0.10 -1.34 0.56
CA GLU A 6 -0.91 -2.05 -0.41
C GLU A 6 -1.65 -1.10 -1.34
N ILE A 7 -1.90 0.09 -0.84
CA ILE A 7 -2.61 1.12 -1.61
C ILE A 7 -1.65 1.85 -2.53
N LEU A 8 -0.83 2.71 -1.94
CA LEU A 8 0.15 3.47 -2.70
C LEU A 8 1.04 2.51 -3.48
N ASN A 9 0.87 1.23 -3.17
CA ASN A 9 1.64 0.16 -3.82
C ASN A 9 2.01 0.52 -5.25
N HIS A 10 1.10 0.21 -6.18
CA HIS A 10 1.33 0.50 -7.59
C HIS A 10 0.09 0.17 -8.41
N VAL A 2 2.41 -2.56 5.26
CA VAL A 2 1.40 -3.49 4.77
C VAL A 2 0.03 -3.11 5.31
N LEU A 3 -0.09 -1.86 5.73
CA LEU A 3 -1.34 -1.34 6.28
C LEU A 3 -1.80 -0.15 5.46
N VAL A 4 -0.88 0.35 4.63
CA VAL A 4 -1.16 1.50 3.77
C VAL A 4 -0.38 1.37 2.46
N ASN A 5 0.62 0.51 2.46
CA ASN A 5 1.43 0.29 1.29
C ASN A 5 0.61 -0.40 0.20
N GLU A 6 -0.09 -1.45 0.58
CA GLU A 6 -0.92 -2.20 -0.35
C GLU A 6 -1.73 -1.27 -1.25
N ILE A 7 -1.81 -0.01 -0.84
CA ILE A 7 -2.55 1.00 -1.60
C ILE A 7 -1.62 1.76 -2.53
N LEU A 8 -0.86 2.68 -1.94
CA LEU A 8 0.08 3.47 -2.72
C LEU A 8 1.00 2.55 -3.50
N ASN A 9 0.92 1.26 -3.18
CA ASN A 9 1.73 0.24 -3.83
C ASN A 9 2.04 0.61 -5.28
N HIS A 10 1.15 0.24 -6.18
CA HIS A 10 1.34 0.53 -7.60
C HIS A 10 0.10 0.12 -8.39
N VAL A 2 2.55 -2.43 5.32
CA VAL A 2 1.58 -3.45 4.90
C VAL A 2 0.18 -3.14 5.43
N LEU A 3 -0.04 -1.87 5.77
CA LEU A 3 -1.33 -1.41 6.27
C LEU A 3 -1.79 -0.20 5.47
N VAL A 4 -0.89 0.27 4.62
CA VAL A 4 -1.17 1.43 3.77
C VAL A 4 -0.42 1.31 2.43
N ASN A 5 0.60 0.45 2.43
CA ASN A 5 1.38 0.24 1.22
C ASN A 5 0.52 -0.41 0.15
N GLU A 6 -0.24 -1.43 0.55
CA GLU A 6 -1.10 -2.14 -0.37
C GLU A 6 -1.87 -1.18 -1.28
N ILE A 7 -1.92 0.08 -0.85
CA ILE A 7 -2.62 1.11 -1.60
C ILE A 7 -1.65 1.86 -2.51
N LEU A 8 -0.85 2.75 -1.91
CA LEU A 8 0.11 3.52 -2.67
C LEU A 8 1.00 2.58 -3.47
N ASN A 9 0.86 1.29 -3.19
CA ASN A 9 1.64 0.24 -3.86
C ASN A 9 2.01 0.64 -5.30
N HIS A 10 1.24 0.15 -6.26
CA HIS A 10 1.49 0.45 -7.66
C HIS A 10 1.81 1.94 -7.86
N VAL A 2 2.29 -2.70 4.59
CA VAL A 2 1.14 -3.52 4.26
C VAL A 2 -0.07 -3.01 5.00
N LEU A 3 0.15 -1.90 5.67
CA LEU A 3 -0.90 -1.24 6.45
C LEU A 3 -1.40 -0.03 5.68
N VAL A 4 -0.59 0.41 4.72
CA VAL A 4 -0.91 1.55 3.89
C VAL A 4 -0.26 1.39 2.52
N ASN A 5 0.68 0.46 2.44
CA ASN A 5 1.38 0.21 1.20
C ASN A 5 0.44 -0.43 0.18
N GLU A 6 -0.27 -1.47 0.62
CA GLU A 6 -1.21 -2.17 -0.24
C GLU A 6 -2.06 -1.20 -1.04
N ILE A 7 -2.05 0.05 -0.62
CA ILE A 7 -2.84 1.09 -1.29
C ILE A 7 -1.98 1.83 -2.31
N LEU A 8 -1.13 2.73 -1.81
CA LEU A 8 -0.26 3.50 -2.68
C LEU A 8 0.53 2.55 -3.58
N ASN A 9 0.44 1.26 -3.25
CA ASN A 9 1.14 0.22 -4.01
C ASN A 9 1.22 0.57 -5.49
N HIS A 10 2.27 0.10 -6.16
CA HIS A 10 2.45 0.36 -7.58
C HIS A 10 3.64 -0.42 -8.11
#